data_6L81
#
_entry.id   6L81
#
_cell.length_a   88.390
_cell.length_b   96.144
_cell.length_c   51.884
_cell.angle_alpha   90.000
_cell.angle_beta   90.000
_cell.angle_gamma   90.000
#
_symmetry.space_group_name_H-M   'P 21 21 2'
#
loop_
_entity.id
_entity.type
_entity.pdbx_description
1 polymer 'Gamma-tubulin complex component 5'
2 polymer 'Mitotic-spindle organizing protein 1'
3 water water
#
loop_
_entity_poly.entity_id
_entity_poly.type
_entity_poly.pdbx_seq_one_letter_code
_entity_poly.pdbx_strand_id
1 'polypeptide(L)'
;GPLGSMARHGPPWSRLDAQQERDVRELVRGVAGLQDEADPNFQLALNFAWSNFRFHRFLDVNSHKIEKTIEGIYEKFVIH
SDLSKAASWKRLTEEFLNAPLPSIKEIKTDAHYSILSLLLCLSD
;
A,C
2 'polypeptide(L)'
;GPHMASSGGAGAAAAAAAANLNAVRETMDVLLEISRILNTGLDMETLSICVRLCEQGINPEALSSVIKELRKATEALKAA
ENMTS
;
B,D
#
# COMPACT_ATOMS: atom_id res chain seq x y z
N ALA A 18 -2.36 -4.34 -25.60
CA ALA A 18 -3.72 -4.05 -26.10
C ALA A 18 -4.76 -4.64 -25.16
N GLN A 19 -4.68 -5.97 -24.95
CA GLN A 19 -5.54 -6.60 -23.96
C GLN A 19 -5.10 -6.25 -22.54
N GLN A 20 -3.81 -5.92 -22.37
CA GLN A 20 -3.34 -5.35 -21.11
C GLN A 20 -4.16 -4.14 -20.71
N GLU A 21 -4.28 -3.18 -21.63
CA GLU A 21 -4.99 -1.94 -21.34
C GLU A 21 -6.45 -2.19 -20.99
N ARG A 22 -7.11 -3.10 -21.71
CA ARG A 22 -8.46 -3.47 -21.33
C ARG A 22 -8.49 -4.10 -19.93
N ASP A 23 -7.52 -4.96 -19.64
CA ASP A 23 -7.47 -5.62 -18.34
C ASP A 23 -7.31 -4.59 -17.21
N VAL A 24 -6.44 -3.59 -17.39
CA VAL A 24 -6.27 -2.59 -16.33
C VAL A 24 -7.55 -1.79 -16.14
N ARG A 25 -8.27 -1.48 -17.21
CA ARG A 25 -9.55 -0.79 -17.06
C ARG A 25 -10.54 -1.65 -16.30
N GLU A 26 -10.66 -2.93 -16.67
CA GLU A 26 -11.58 -3.83 -15.95
C GLU A 26 -11.18 -3.95 -14.49
N LEU A 27 -9.87 -4.02 -14.22
CA LEU A 27 -9.40 -4.08 -12.84
C LEU A 27 -9.88 -2.87 -12.05
N VAL A 28 -9.85 -1.68 -12.65
CA VAL A 28 -10.31 -0.48 -11.97
C VAL A 28 -11.83 -0.54 -11.74
N ARG A 29 -12.60 -0.73 -12.82
CA ARG A 29 -14.04 -0.96 -12.68
C ARG A 29 -14.34 -1.96 -11.57
N GLY A 30 -13.75 -3.15 -11.67
CA GLY A 30 -14.02 -4.22 -10.73
C GLY A 30 -13.66 -3.92 -9.30
N VAL A 31 -12.39 -3.56 -9.07
CA VAL A 31 -11.92 -3.40 -7.70
C VAL A 31 -12.43 -2.11 -7.09
N ALA A 32 -12.34 -1.01 -7.83
CA ALA A 32 -12.75 0.29 -7.31
C ALA A 32 -14.24 0.56 -7.50
N GLY A 33 -14.98 -0.32 -8.15
CA GLY A 33 -16.41 -0.12 -8.28
C GLY A 33 -16.81 1.10 -9.07
N LEU A 34 -16.03 1.44 -10.10
CA LEU A 34 -16.29 2.61 -10.96
C LEU A 34 -16.59 2.10 -12.37
N GLN A 35 -17.88 1.89 -12.65
CA GLN A 35 -18.32 1.24 -13.88
C GLN A 35 -18.52 2.21 -15.03
N ASP A 36 -18.34 3.51 -14.82
CA ASP A 36 -18.58 4.53 -15.84
C ASP A 36 -17.25 5.20 -16.18
N GLU A 37 -16.65 4.80 -17.31
CA GLU A 37 -15.34 5.33 -17.70
C GLU A 37 -15.36 6.84 -17.93
N ALA A 38 -16.53 7.44 -18.18
CA ALA A 38 -16.66 8.88 -18.27
C ALA A 38 -16.81 9.56 -16.91
N ASP A 39 -16.48 8.87 -15.82
CA ASP A 39 -16.34 9.48 -14.50
C ASP A 39 -14.90 9.92 -14.34
N PRO A 40 -14.62 11.20 -14.04
CA PRO A 40 -13.22 11.60 -13.80
C PRO A 40 -12.52 10.74 -12.78
N ASN A 41 -13.26 10.14 -11.84
CA ASN A 41 -12.63 9.26 -10.86
C ASN A 41 -12.15 7.97 -11.50
N PHE A 42 -12.82 7.51 -12.56
CA PHE A 42 -12.29 6.37 -13.29
C PHE A 42 -10.91 6.69 -13.87
N GLN A 43 -10.80 7.81 -14.59
CA GLN A 43 -9.52 8.13 -15.24
C GLN A 43 -8.43 8.40 -14.20
N LEU A 44 -8.78 9.03 -13.07
CA LEU A 44 -7.79 9.23 -12.01
C LEU A 44 -7.31 7.91 -11.43
N ALA A 45 -8.21 6.94 -11.26
CA ALA A 45 -7.79 5.64 -10.73
C ALA A 45 -6.90 4.93 -11.74
N LEU A 46 -7.24 5.05 -13.03
CA LEU A 46 -6.48 4.41 -14.09
C LEU A 46 -5.07 5.00 -14.21
N ASN A 47 -4.97 6.34 -14.25
CA ASN A 47 -3.66 6.98 -14.27
C ASN A 47 -2.83 6.54 -13.08
N PHE A 48 -3.45 6.48 -11.88
CA PHE A 48 -2.73 5.99 -10.71
C PHE A 48 -2.28 4.54 -10.89
N ALA A 49 -3.15 3.67 -11.42
CA ALA A 49 -2.75 2.27 -11.57
C ALA A 49 -1.52 2.16 -12.48
N TRP A 50 -1.58 2.79 -13.66
CA TRP A 50 -0.49 2.69 -14.61
C TRP A 50 0.79 3.32 -14.07
N SER A 51 0.67 4.50 -13.45
CA SER A 51 1.84 5.14 -12.86
C SER A 51 2.46 4.26 -11.79
N ASN A 52 1.62 3.57 -11.01
CA ASN A 52 2.13 2.60 -10.04
C ASN A 52 2.86 1.46 -10.74
N PHE A 53 2.26 0.90 -11.80
CA PHE A 53 2.89 -0.22 -12.53
C PHE A 53 4.24 0.18 -13.11
N ARG A 54 4.37 1.41 -13.62
CA ARG A 54 5.63 1.82 -14.26
C ARG A 54 6.69 2.35 -13.30
N PHE A 55 6.38 2.50 -12.01
CA PHE A 55 7.39 2.94 -11.03
C PHE A 55 8.06 1.68 -10.48
N HIS A 56 9.03 1.18 -11.26
CA HIS A 56 9.74 -0.02 -10.88
C HIS A 56 10.54 0.22 -9.61
N ARG A 57 10.23 -0.54 -8.59
CA ARG A 57 10.76 -0.29 -7.25
C ARG A 57 10.85 -1.58 -6.43
N PHE A 58 10.50 -2.73 -7.00
CA PHE A 58 10.57 -4.00 -6.30
C PHE A 58 11.61 -4.89 -6.95
N LEU A 59 12.25 -5.72 -6.13
CA LEU A 59 13.04 -6.81 -6.67
C LEU A 59 12.14 -7.79 -7.42
N ASP A 60 12.73 -8.53 -8.35
CA ASP A 60 11.90 -9.51 -9.05
C ASP A 60 11.53 -10.66 -8.12
N VAL A 61 10.47 -11.37 -8.48
CA VAL A 61 9.92 -12.35 -7.55
C VAL A 61 10.94 -13.46 -7.33
N ASN A 62 11.18 -13.80 -6.07
CA ASN A 62 12.09 -14.89 -5.71
C ASN A 62 11.27 -16.16 -5.51
N SER A 63 11.44 -17.13 -6.40
CA SER A 63 10.69 -18.38 -6.37
C SER A 63 10.98 -19.18 -5.12
N HIS A 64 12.25 -19.28 -4.74
CA HIS A 64 12.60 -20.01 -3.52
C HIS A 64 11.92 -19.41 -2.28
N LYS A 65 11.87 -18.08 -2.18
CA LYS A 65 11.19 -17.47 -1.04
C LYS A 65 9.69 -17.73 -1.06
N ILE A 66 9.09 -17.76 -2.25
CA ILE A 66 7.67 -18.08 -2.34
C ILE A 66 7.43 -19.52 -1.88
N GLU A 67 8.30 -20.44 -2.33
CA GLU A 67 8.16 -21.84 -1.94
C GLU A 67 8.27 -22.02 -0.44
N LYS A 68 9.20 -21.30 0.20
CA LYS A 68 9.33 -21.38 1.65
C LYS A 68 8.07 -20.89 2.34
N THR A 69 7.49 -19.80 1.84
CA THR A 69 6.26 -19.28 2.44
C THR A 69 5.11 -20.27 2.30
N ILE A 70 4.95 -20.84 1.10
CA ILE A 70 3.91 -21.85 0.89
C ILE A 70 4.05 -22.97 1.89
N GLU A 71 5.27 -23.50 2.00
CA GLU A 71 5.49 -24.59 2.94
C GLU A 71 5.27 -24.13 4.37
N GLY A 72 5.54 -22.85 4.66
CA GLY A 72 5.22 -22.29 5.97
C GLY A 72 3.74 -22.24 6.26
N ILE A 73 2.93 -21.87 5.26
CA ILE A 73 1.49 -21.90 5.45
C ILE A 73 1.02 -23.32 5.75
N TYR A 74 1.58 -24.30 5.03
CA TYR A 74 1.21 -25.69 5.29
C TYR A 74 1.52 -26.10 6.74
N GLU A 75 2.70 -25.72 7.25
CA GLU A 75 3.04 -26.10 8.63
C GLU A 75 2.03 -25.51 9.62
N LYS A 76 1.63 -24.26 9.39
CA LYS A 76 0.73 -23.57 10.30
C LYS A 76 -0.62 -24.26 10.36
N PHE A 77 -1.12 -24.69 9.19
CA PHE A 77 -2.35 -25.49 9.19
C PHE A 77 -2.18 -26.76 10.00
N VAL A 78 -1.05 -27.46 9.81
CA VAL A 78 -0.84 -28.71 10.53
C VAL A 78 -0.71 -28.44 12.03
N ILE A 79 0.03 -27.40 12.41
CA ILE A 79 0.25 -27.08 13.82
C ILE A 79 -1.08 -26.90 14.55
N HIS A 80 -2.04 -26.27 13.89
CA HIS A 80 -3.36 -26.00 14.47
C HIS A 80 -4.36 -27.13 14.21
N SER A 81 -3.88 -28.30 13.80
CA SER A 81 -4.72 -29.50 13.60
C SER A 81 -5.86 -29.28 12.60
N ASP A 82 -5.77 -28.27 11.74
CA ASP A 82 -6.75 -28.11 10.68
C ASP A 82 -6.30 -29.00 9.52
N LEU A 83 -6.63 -30.28 9.64
CA LEU A 83 -6.13 -31.29 8.71
C LEU A 83 -6.76 -31.15 7.33
N SER A 84 -8.07 -30.87 7.26
CA SER A 84 -8.71 -30.75 5.96
C SER A 84 -8.27 -29.48 5.22
N LYS A 85 -7.77 -28.48 5.95
CA LYS A 85 -7.21 -27.32 5.26
C LYS A 85 -5.75 -27.53 4.87
N ALA A 86 -4.98 -28.23 5.70
CA ALA A 86 -3.58 -28.51 5.35
C ALA A 86 -3.50 -29.40 4.11
N ALA A 87 -4.25 -30.51 4.12
CA ALA A 87 -4.26 -31.41 2.97
C ALA A 87 -4.77 -30.70 1.71
N SER A 88 -5.75 -29.80 1.86
CA SER A 88 -6.22 -29.03 0.72
C SER A 88 -5.15 -28.09 0.23
N TRP A 89 -4.54 -27.34 1.16
CA TRP A 89 -3.46 -26.42 0.82
C TRP A 89 -2.34 -27.11 0.04
N LYS A 90 -1.82 -28.22 0.59
CA LYS A 90 -0.75 -28.92 -0.09
C LYS A 90 -1.22 -29.43 -1.45
N ARG A 91 -2.46 -29.96 -1.53
CA ARG A 91 -2.93 -30.53 -2.79
C ARG A 91 -3.06 -29.46 -3.86
N LEU A 92 -3.66 -28.32 -3.52
CA LEU A 92 -3.88 -27.27 -4.52
C LEU A 92 -2.57 -26.66 -4.99
N THR A 93 -1.68 -26.31 -4.06
CA THR A 93 -0.42 -25.67 -4.47
C THR A 93 0.46 -26.63 -5.25
N GLU A 94 0.54 -27.90 -4.83
CA GLU A 94 1.28 -28.89 -5.61
C GLU A 94 0.71 -29.01 -7.03
N GLU A 95 -0.62 -29.10 -7.14
CA GLU A 95 -1.22 -29.21 -8.47
C GLU A 95 -0.91 -27.98 -9.31
N PHE A 96 -1.06 -26.79 -8.71
CA PHE A 96 -0.86 -25.56 -9.47
C PHE A 96 0.57 -25.44 -9.96
N LEU A 97 1.53 -25.83 -9.12
CA LEU A 97 2.93 -25.59 -9.44
C LEU A 97 3.45 -26.54 -10.52
N ASN A 98 2.57 -27.15 -11.33
CA ASN A 98 2.94 -27.97 -12.50
C ASN A 98 2.14 -27.53 -13.73
N ALA A 99 2.69 -26.58 -14.48
CA ALA A 99 2.20 -26.18 -15.81
C ALA A 99 0.81 -25.55 -15.80
N ASP A 110 7.61 -18.72 -15.27
CA ASP A 110 7.86 -17.87 -14.10
C ASP A 110 6.55 -17.41 -13.46
N ALA A 111 5.49 -17.34 -14.27
CA ALA A 111 4.24 -16.73 -13.81
C ALA A 111 3.62 -17.48 -12.63
N HIS A 112 3.98 -18.74 -12.38
CA HIS A 112 3.42 -19.45 -11.22
C HIS A 112 3.71 -18.66 -9.95
N TYR A 113 4.96 -18.26 -9.75
CA TYR A 113 5.38 -17.65 -8.50
C TYR A 113 4.95 -16.19 -8.42
N SER A 114 4.88 -15.51 -9.56
CA SER A 114 4.34 -14.15 -9.57
C SER A 114 2.87 -14.14 -9.14
N ILE A 115 2.06 -15.05 -9.70
CA ILE A 115 0.67 -15.15 -9.27
C ILE A 115 0.60 -15.45 -7.78
N LEU A 116 1.40 -16.43 -7.31
CA LEU A 116 1.32 -16.82 -5.91
C LEU A 116 1.78 -15.67 -5.00
N SER A 117 2.82 -14.94 -5.41
CA SER A 117 3.25 -13.78 -4.66
C SER A 117 2.14 -12.73 -4.53
N LEU A 118 1.40 -12.48 -5.62
CA LEU A 118 0.29 -11.54 -5.52
C LEU A 118 -0.73 -12.02 -4.49
N LEU A 119 -1.12 -13.30 -4.56
CA LEU A 119 -2.12 -13.80 -3.62
C LEU A 119 -1.59 -13.72 -2.19
N LEU A 120 -0.31 -14.05 -2.00
CA LEU A 120 0.29 -13.93 -0.67
C LEU A 120 0.26 -12.49 -0.19
N CYS A 121 0.53 -11.53 -1.08
CA CYS A 121 0.48 -10.13 -0.69
C CYS A 121 -0.93 -9.68 -0.34
N LEU A 122 -1.95 -10.22 -1.00
CA LEU A 122 -3.34 -9.88 -0.70
C LEU A 122 -3.90 -10.63 0.51
N SER A 123 -3.20 -11.61 1.05
CA SER A 123 -3.67 -12.32 2.25
C SER A 123 -3.75 -11.35 3.44
N ALA B 17 -6.52 -27.50 -28.79
CA ALA B 17 -7.79 -28.17 -29.07
C ALA B 17 -8.86 -27.71 -28.09
N ALA B 18 -9.94 -28.49 -27.99
CA ALA B 18 -10.95 -28.25 -26.96
C ALA B 18 -10.48 -28.68 -25.58
N ALA B 19 -9.38 -29.42 -25.50
CA ALA B 19 -8.84 -29.86 -24.22
C ALA B 19 -7.95 -28.83 -23.56
N ASN B 20 -7.79 -27.63 -24.12
CA ASN B 20 -7.01 -26.63 -23.39
C ASN B 20 -7.90 -25.76 -22.51
N LEU B 21 -9.18 -25.63 -22.86
CA LEU B 21 -10.07 -24.77 -22.08
C LEU B 21 -10.49 -25.45 -20.79
N ASN B 22 -10.62 -26.78 -20.79
CA ASN B 22 -10.87 -27.49 -19.53
C ASN B 22 -9.63 -27.47 -18.63
N ALA B 23 -8.44 -27.52 -19.23
CA ALA B 23 -7.21 -27.35 -18.46
C ALA B 23 -7.17 -25.98 -17.79
N VAL B 24 -7.42 -24.92 -18.57
CA VAL B 24 -7.44 -23.59 -17.97
C VAL B 24 -8.56 -23.48 -16.95
N ARG B 25 -9.69 -24.15 -17.21
CA ARG B 25 -10.76 -24.11 -16.23
C ARG B 25 -10.33 -24.78 -14.93
N GLU B 26 -9.58 -25.89 -15.02
CA GLU B 26 -9.10 -26.57 -13.81
C GLU B 26 -8.10 -25.71 -13.05
N THR B 27 -7.16 -25.07 -13.75
CA THR B 27 -6.19 -24.27 -13.02
C THR B 27 -6.85 -23.05 -12.37
N MET B 28 -7.73 -22.36 -13.10
CA MET B 28 -8.41 -21.20 -12.51
C MET B 28 -9.20 -21.58 -11.26
N ASP B 29 -9.76 -22.78 -11.24
CA ASP B 29 -10.50 -23.22 -10.05
C ASP B 29 -9.57 -23.60 -8.90
N VAL B 30 -8.44 -24.23 -9.21
CA VAL B 30 -7.40 -24.43 -8.18
C VAL B 30 -6.98 -23.08 -7.59
N LEU B 31 -6.69 -22.12 -8.46
CA LEU B 31 -6.22 -20.81 -8.05
C LEU B 31 -7.27 -20.09 -7.19
N LEU B 32 -8.53 -20.17 -7.60
CA LEU B 32 -9.56 -19.50 -6.81
C LEU B 32 -9.67 -20.11 -5.42
N GLU B 33 -9.54 -21.44 -5.33
CA GLU B 33 -9.57 -22.06 -4.02
C GLU B 33 -8.35 -21.65 -3.20
N ILE B 34 -7.16 -21.61 -3.83
CA ILE B 34 -5.98 -21.09 -3.13
C ILE B 34 -6.27 -19.67 -2.66
N SER B 35 -6.83 -18.86 -3.55
CA SER B 35 -7.16 -17.48 -3.21
C SER B 35 -8.13 -17.41 -2.02
N ARG B 36 -9.06 -18.36 -1.94
CA ARG B 36 -10.04 -18.33 -0.85
C ARG B 36 -9.41 -18.73 0.47
N ILE B 37 -8.57 -19.78 0.47
CA ILE B 37 -7.85 -20.17 1.68
C ILE B 37 -7.07 -18.98 2.21
N LEU B 38 -6.38 -18.26 1.32
CA LEU B 38 -5.63 -17.09 1.75
C LEU B 38 -6.51 -15.88 2.08
N ASN B 39 -7.82 -15.94 1.79
CA ASN B 39 -8.74 -14.85 2.14
C ASN B 39 -8.31 -13.52 1.49
N THR B 40 -8.10 -13.56 0.17
CA THR B 40 -7.66 -12.37 -0.56
C THR B 40 -8.81 -11.43 -0.89
N GLY B 41 -10.05 -11.93 -0.84
CA GLY B 41 -11.19 -11.15 -1.27
C GLY B 41 -11.45 -11.15 -2.75
N LEU B 42 -10.62 -11.84 -3.55
CA LEU B 42 -10.82 -11.82 -4.99
C LEU B 42 -11.95 -12.77 -5.40
N ASP B 43 -12.75 -12.31 -6.35
CA ASP B 43 -13.68 -13.12 -7.11
C ASP B 43 -12.95 -13.75 -8.31
N MET B 44 -13.64 -14.68 -8.97
CA MET B 44 -13.06 -15.35 -10.13
C MET B 44 -12.76 -14.37 -11.27
N GLU B 45 -13.62 -13.35 -11.47
CA GLU B 45 -13.44 -12.42 -12.57
C GLU B 45 -12.20 -11.55 -12.37
N THR B 46 -12.07 -10.95 -11.19
CA THR B 46 -10.87 -10.16 -10.93
C THR B 46 -9.64 -11.04 -10.79
N LEU B 47 -9.79 -12.29 -10.32
CA LEU B 47 -8.64 -13.19 -10.22
C LEU B 47 -8.08 -13.48 -11.61
N SER B 48 -8.96 -13.72 -12.59
CA SER B 48 -8.52 -13.93 -13.96
C SER B 48 -7.77 -12.73 -14.49
N ILE B 49 -8.27 -11.53 -14.21
CA ILE B 49 -7.56 -10.31 -14.60
C ILE B 49 -6.14 -10.33 -14.02
N CYS B 50 -6.02 -10.63 -12.72
CA CYS B 50 -4.71 -10.66 -12.08
C CYS B 50 -3.78 -11.69 -12.72
N VAL B 51 -4.29 -12.87 -13.04
CA VAL B 51 -3.44 -13.88 -13.67
C VAL B 51 -2.86 -13.37 -14.98
N ARG B 52 -3.70 -12.78 -15.83
CA ARG B 52 -3.22 -12.30 -17.13
C ARG B 52 -2.19 -11.19 -16.95
N LEU B 53 -2.42 -10.28 -16.01
CA LEU B 53 -1.46 -9.20 -15.77
C LEU B 53 -0.12 -9.77 -15.30
N CYS B 54 -0.15 -10.76 -14.41
CA CYS B 54 1.09 -11.40 -13.98
C CYS B 54 1.80 -12.09 -15.14
N GLU B 55 1.05 -12.82 -15.96
CA GLU B 55 1.65 -13.48 -17.14
C GLU B 55 2.29 -12.48 -18.08
N GLN B 56 1.74 -11.27 -18.18
CA GLN B 56 2.27 -10.24 -19.05
C GLN B 56 3.44 -9.50 -18.44
N GLY B 57 3.78 -9.79 -17.18
CA GLY B 57 4.94 -9.22 -16.53
C GLY B 57 4.70 -8.00 -15.65
N ILE B 58 3.45 -7.69 -15.29
CA ILE B 58 3.24 -6.69 -14.23
C ILE B 58 3.82 -7.23 -12.93
N ASN B 59 4.59 -6.40 -12.23
CA ASN B 59 5.16 -6.85 -10.96
C ASN B 59 4.03 -7.15 -9.97
N PRO B 60 4.05 -8.30 -9.30
CA PRO B 60 2.91 -8.66 -8.42
C PRO B 60 2.80 -7.76 -7.22
N GLU B 61 3.92 -7.26 -6.71
CA GLU B 61 3.83 -6.33 -5.58
C GLU B 61 3.33 -4.97 -6.02
N ALA B 62 3.65 -4.56 -7.25
CA ALA B 62 2.99 -3.37 -7.78
C ALA B 62 1.50 -3.59 -7.89
N LEU B 63 1.08 -4.76 -8.38
CA LEU B 63 -0.34 -5.03 -8.57
C LEU B 63 -1.07 -5.14 -7.23
N SER B 64 -0.43 -5.76 -6.24
CA SER B 64 -0.99 -5.79 -4.89
C SER B 64 -1.18 -4.38 -4.33
N SER B 65 -0.15 -3.54 -4.46
CA SER B 65 -0.24 -2.14 -4.08
C SER B 65 -1.43 -1.43 -4.76
N VAL B 66 -1.59 -1.61 -6.06
CA VAL B 66 -2.68 -0.95 -6.76
C VAL B 66 -4.03 -1.46 -6.25
N ILE B 67 -4.15 -2.78 -6.06
CA ILE B 67 -5.45 -3.31 -5.70
C ILE B 67 -5.84 -2.83 -4.31
N LYS B 68 -4.87 -2.75 -3.39
CA LYS B 68 -5.19 -2.39 -2.01
C LYS B 68 -5.63 -0.93 -1.91
N GLU B 69 -5.00 -0.05 -2.68
CA GLU B 69 -5.40 1.35 -2.71
C GLU B 69 -6.71 1.57 -3.45
N LEU B 70 -6.98 0.84 -4.54
CA LEU B 70 -8.28 0.98 -5.19
C LEU B 70 -9.43 0.48 -4.30
N ARG B 71 -9.14 -0.43 -3.37
CA ARG B 71 -10.12 -0.81 -2.36
C ARG B 71 -10.23 0.24 -1.27
N LYS B 72 -9.08 0.75 -0.80
CA LYS B 72 -9.09 1.70 0.31
C LYS B 72 -9.86 2.98 -0.01
N ALA B 73 -10.02 3.29 -1.29
CA ALA B 73 -10.65 4.54 -1.70
C ALA B 73 -11.91 4.31 -2.52
N THR B 74 -12.61 3.20 -2.25
CA THR B 74 -13.91 2.97 -2.88
C THR B 74 -15.04 2.83 -1.87
N GLU B 75 -14.81 2.12 -0.76
CA GLU B 75 -15.74 2.22 0.36
C GLU B 75 -15.76 3.61 0.95
N ALA B 76 -14.69 4.39 0.71
CA ALA B 76 -14.63 5.79 1.10
C ALA B 76 -15.35 6.72 0.13
N LEU B 77 -15.79 6.20 -1.03
CA LEU B 77 -16.54 7.01 -1.99
C LEU B 77 -18.00 6.58 -2.02
N GLN C 20 5.44 24.27 -4.67
CA GLN C 20 4.95 22.93 -4.38
C GLN C 20 5.60 21.85 -5.26
N GLU C 21 5.80 22.14 -6.56
CA GLU C 21 6.54 21.20 -7.39
C GLU C 21 7.93 20.94 -6.82
N ARG C 22 8.55 21.93 -6.20
CA ARG C 22 9.87 21.74 -5.60
C ARG C 22 9.79 20.83 -4.36
N ASP C 23 8.71 20.93 -3.58
CA ASP C 23 8.58 20.09 -2.39
C ASP C 23 8.41 18.61 -2.74
N VAL C 24 7.60 18.31 -3.75
CA VAL C 24 7.38 16.93 -4.15
C VAL C 24 8.65 16.33 -4.73
N ARG C 25 9.35 17.10 -5.57
CA ARG C 25 10.60 16.62 -6.13
C ARG C 25 11.60 16.28 -5.04
N GLU C 26 11.68 17.09 -3.99
CA GLU C 26 12.63 16.79 -2.93
C GLU C 26 12.14 15.71 -1.96
N LEU C 27 10.83 15.59 -1.77
CA LEU C 27 10.31 14.41 -1.11
C LEU C 27 10.79 13.15 -1.83
N VAL C 28 10.64 13.14 -3.17
CA VAL C 28 11.13 12.01 -3.96
C VAL C 28 12.62 11.80 -3.76
N ARG C 29 13.39 12.89 -3.76
CA ARG C 29 14.84 12.77 -3.61
C ARG C 29 15.23 12.27 -2.23
N GLY C 30 14.68 12.89 -1.18
CA GLY C 30 15.04 12.48 0.18
C GLY C 30 14.64 11.05 0.49
N VAL C 31 13.38 10.70 0.21
CA VAL C 31 12.84 9.43 0.68
C VAL C 31 13.29 8.26 -0.20
N ALA C 32 13.17 8.40 -1.51
CA ALA C 32 13.59 7.32 -2.40
C ALA C 32 15.09 7.31 -2.64
N GLY C 33 15.81 8.36 -2.23
CA GLY C 33 17.25 8.38 -2.44
C GLY C 33 17.64 8.50 -3.91
N LEU C 34 16.87 9.25 -4.69
CA LEU C 34 17.10 9.42 -6.12
C LEU C 34 17.63 10.83 -6.33
N GLN C 35 18.96 10.99 -6.16
CA GLN C 35 19.53 12.34 -6.06
C GLN C 35 19.49 13.06 -7.41
N ASP C 36 19.51 12.33 -8.53
CA ASP C 36 19.69 12.93 -9.85
C ASP C 36 18.35 13.06 -10.56
N GLU C 37 17.90 14.29 -10.74
CA GLU C 37 16.63 14.55 -11.41
C GLU C 37 16.65 14.18 -12.89
N ALA C 38 17.82 13.90 -13.47
CA ALA C 38 17.86 13.44 -14.85
C ALA C 38 17.53 11.96 -14.97
N ASP C 39 17.71 11.19 -13.89
CA ASP C 39 17.47 9.75 -13.92
C ASP C 39 16.04 9.47 -14.36
N PRO C 40 15.81 8.54 -15.30
CA PRO C 40 14.42 8.19 -15.66
C PRO C 40 13.62 7.59 -14.51
N ASN C 41 14.28 6.94 -13.54
CA ASN C 41 13.58 6.49 -12.34
C ASN C 41 13.10 7.65 -11.49
N PHE C 42 13.81 8.78 -11.51
CA PHE C 42 13.28 9.95 -10.84
C PHE C 42 11.97 10.40 -11.46
N GLN C 43 11.88 10.41 -12.80
CA GLN C 43 10.66 10.88 -13.44
C GLN C 43 9.50 9.93 -13.14
N LEU C 44 9.76 8.61 -13.18
CA LEU C 44 8.73 7.62 -12.89
C LEU C 44 8.27 7.71 -11.44
N ALA C 45 9.20 7.97 -10.50
CA ALA C 45 8.81 8.17 -9.11
C ALA C 45 7.90 9.39 -8.97
N LEU C 46 8.28 10.49 -9.64
CA LEU C 46 7.47 11.71 -9.61
C LEU C 46 6.07 11.46 -10.20
N ASN C 47 6.00 10.80 -11.36
CA ASN C 47 4.69 10.51 -11.96
C ASN C 47 3.84 9.69 -11.00
N PHE C 48 4.45 8.69 -10.35
CA PHE C 48 3.70 7.90 -9.38
C PHE C 48 3.18 8.78 -8.24
N ALA C 49 4.04 9.63 -7.69
CA ALA C 49 3.64 10.51 -6.58
C ALA C 49 2.45 11.38 -6.97
N TRP C 50 2.57 12.13 -8.07
CA TRP C 50 1.50 13.02 -8.50
C TRP C 50 0.20 12.28 -8.76
N SER C 51 0.26 11.15 -9.48
CA SER C 51 -0.97 10.42 -9.78
C SER C 51 -1.62 9.91 -8.51
N ASN C 52 -0.82 9.69 -7.47
CA ASN C 52 -1.33 9.24 -6.19
C ASN C 52 -2.03 10.38 -5.46
N PHE C 53 -1.38 11.55 -5.44
CA PHE C 53 -1.99 12.74 -4.85
C PHE C 53 -3.29 13.12 -5.55
N ARG C 54 -3.29 13.09 -6.88
CA ARG C 54 -4.48 13.49 -7.61
C ARG C 54 -5.60 12.48 -7.42
N PHE C 55 -5.26 11.20 -7.27
CA PHE C 55 -6.31 10.20 -7.03
C PHE C 55 -7.00 10.45 -5.70
N HIS C 56 -6.23 10.82 -4.67
CA HIS C 56 -6.70 10.91 -3.30
C HIS C 56 -6.83 12.35 -2.80
N ASP C 60 -11.04 14.17 2.95
CA ASP C 60 -12.01 13.98 4.03
C ASP C 60 -11.35 13.65 5.38
N VAL C 61 -10.39 14.48 5.81
CA VAL C 61 -9.78 14.29 7.12
C VAL C 61 -10.81 14.56 8.22
N ASN C 62 -10.99 13.59 9.10
CA ASN C 62 -11.95 13.72 10.19
C ASN C 62 -11.20 14.05 11.48
N SER C 63 -11.32 15.31 11.91
CA SER C 63 -10.62 15.76 13.11
C SER C 63 -11.10 15.00 14.34
N HIS C 64 -12.42 14.82 14.51
CA HIS C 64 -12.94 14.11 15.67
C HIS C 64 -12.32 12.71 15.79
N LYS C 65 -12.26 11.97 14.67
CA LYS C 65 -11.67 10.64 14.70
C LYS C 65 -10.20 10.70 15.09
N ILE C 66 -9.48 11.72 14.62
CA ILE C 66 -8.07 11.85 14.98
C ILE C 66 -7.93 12.21 16.46
N GLU C 67 -8.83 13.04 16.99
CA GLU C 67 -8.76 13.35 18.42
C GLU C 67 -8.97 12.09 19.27
N LYS C 68 -9.89 11.23 18.85
CA LYS C 68 -10.09 9.98 19.59
C LYS C 68 -8.87 9.07 19.49
N THR C 69 -8.24 9.00 18.31
CA THR C 69 -7.04 8.18 18.18
C THR C 69 -5.91 8.69 19.05
N ILE C 70 -5.76 10.02 19.14
CA ILE C 70 -4.75 10.62 20.01
C ILE C 70 -5.02 10.26 21.47
N GLU C 71 -6.29 10.42 21.90
CA GLU C 71 -6.66 10.01 23.24
C GLU C 71 -6.43 8.52 23.45
N GLY C 72 -6.72 7.71 22.43
CA GLY C 72 -6.45 6.29 22.54
C GLY C 72 -4.98 5.99 22.78
N ILE C 73 -4.10 6.68 22.05
CA ILE C 73 -2.67 6.43 22.20
C ILE C 73 -2.22 6.77 23.61
N TYR C 74 -2.72 7.88 24.18
CA TYR C 74 -2.41 8.21 25.57
C TYR C 74 -2.75 7.05 26.50
N GLU C 75 -3.96 6.52 26.39
CA GLU C 75 -4.38 5.44 27.27
C GLU C 75 -3.54 4.19 27.05
N LYS C 76 -3.14 3.93 25.80
CA LYS C 76 -2.26 2.79 25.55
C LYS C 76 -0.97 2.91 26.33
N PHE C 77 -0.34 4.09 26.32
CA PHE C 77 0.94 4.25 27.02
C PHE C 77 0.77 4.07 28.53
N VAL C 78 -0.32 4.61 29.08
CA VAL C 78 -0.67 4.38 30.49
C VAL C 78 -0.80 2.89 30.77
N ILE C 79 -1.61 2.20 29.97
CA ILE C 79 -1.84 0.76 30.16
C ILE C 79 -0.52 -0.01 30.15
N HIS C 80 0.31 0.23 29.13
CA HIS C 80 1.58 -0.49 29.04
C HIS C 80 2.60 -0.01 30.07
N SER C 81 2.23 0.91 30.96
CA SER C 81 2.98 1.36 32.14
C SER C 81 4.07 2.38 31.82
N ASP C 82 4.17 2.87 30.59
CA ASP C 82 5.16 3.90 30.26
C ASP C 82 4.57 5.28 30.57
N LEU C 83 4.47 5.55 31.87
CA LEU C 83 3.77 6.75 32.32
C LEU C 83 4.55 8.01 31.96
N SER C 84 5.86 7.93 31.78
CA SER C 84 6.61 9.08 31.31
C SER C 84 6.27 9.42 29.86
N LYS C 85 6.23 8.41 29.00
CA LYS C 85 5.86 8.65 27.60
C LYS C 85 4.43 9.15 27.49
N ALA C 86 3.51 8.57 28.27
CA ALA C 86 2.12 9.03 28.29
C ALA C 86 2.02 10.50 28.61
N ALA C 87 2.77 10.96 29.63
CA ALA C 87 2.75 12.38 30.00
C ALA C 87 3.40 13.26 28.94
N SER C 88 4.48 12.80 28.30
CA SER C 88 5.08 13.58 27.23
C SER C 88 4.11 13.68 26.04
N TRP C 89 3.56 12.53 25.65
CA TRP C 89 2.60 12.48 24.56
C TRP C 89 1.50 13.50 24.76
N LYS C 90 0.90 13.51 25.94
CA LYS C 90 -0.23 14.40 26.19
C LYS C 90 0.21 15.85 26.14
N ARG C 91 1.32 16.19 26.82
CA ARG C 91 1.83 17.55 26.80
C ARG C 91 2.11 18.01 25.38
N LEU C 92 2.74 17.16 24.57
CA LEU C 92 3.19 17.57 23.25
C LEU C 92 2.01 17.73 22.28
N THR C 93 1.07 16.78 22.29
CA THR C 93 -0.07 16.91 21.39
C THR C 93 -0.97 18.06 21.80
N GLU C 94 -1.17 18.27 23.11
CA GLU C 94 -1.96 19.41 23.55
C GLU C 94 -1.31 20.72 23.12
N GLU C 95 0.01 20.79 23.22
CA GLU C 95 0.68 22.02 22.83
C GLU C 95 0.58 22.23 21.32
N PHE C 96 0.69 21.15 20.54
CA PHE C 96 0.60 21.28 19.09
C PHE C 96 -0.81 21.71 18.67
N LEU C 97 -1.82 21.07 19.23
CA LEU C 97 -3.21 21.34 18.87
C LEU C 97 -3.70 22.72 19.30
N ASN C 98 -2.97 23.42 20.18
CA ASN C 98 -3.28 24.80 20.53
C ASN C 98 -2.33 25.82 19.88
N ALA C 99 -1.48 25.38 18.95
CA ALA C 99 -0.51 26.27 18.31
C ALA C 99 -0.84 26.42 16.84
N PRO C 100 -1.18 27.62 16.36
CA PRO C 100 -1.39 27.82 14.92
C PRO C 100 -0.15 27.50 14.10
N LEU C 101 -0.37 27.25 12.81
CA LEU C 101 0.70 26.85 11.92
C LEU C 101 1.07 27.95 10.91
N ASP C 110 -8.58 21.70 8.61
CA ASP C 110 -7.61 22.10 9.62
C ASP C 110 -6.29 21.35 9.44
N ALA C 111 -5.21 22.12 9.21
CA ALA C 111 -3.91 21.52 8.93
C ALA C 111 -3.33 20.74 10.12
N HIS C 112 -3.69 21.10 11.37
CA HIS C 112 -3.24 20.33 12.53
C HIS C 112 -3.53 18.86 12.35
N TYR C 113 -4.78 18.53 11.99
CA TYR C 113 -5.21 17.15 12.01
C TYR C 113 -4.74 16.39 10.78
N SER C 114 -4.58 17.07 9.65
CA SER C 114 -3.97 16.43 8.49
C SER C 114 -2.53 15.99 8.80
N ILE C 115 -1.76 16.85 9.47
CA ILE C 115 -0.39 16.50 9.84
C ILE C 115 -0.37 15.34 10.82
N LEU C 116 -1.26 15.37 11.82
CA LEU C 116 -1.33 14.26 12.78
C LEU C 116 -1.76 12.97 12.09
N SER C 117 -2.69 13.09 11.13
CA SER C 117 -3.13 11.92 10.40
C SER C 117 -1.98 11.30 9.60
N LEU C 118 -1.16 12.13 8.96
CA LEU C 118 0.03 11.60 8.30
C LEU C 118 0.92 10.83 9.28
N LEU C 119 1.24 11.46 10.42
CA LEU C 119 2.14 10.80 11.37
C LEU C 119 1.55 9.50 11.90
N LEU C 120 0.23 9.48 12.17
CA LEU C 120 -0.41 8.25 12.62
C LEU C 120 -0.34 7.17 11.55
N CYS C 121 -0.50 7.53 10.28
CA CYS C 121 -0.40 6.55 9.22
C CYS C 121 1.02 5.97 9.08
N LEU C 122 2.05 6.77 9.36
CA LEU C 122 3.43 6.30 9.30
C LEU C 122 3.88 5.60 10.57
N SER C 123 3.07 5.61 11.64
CA SER C 123 3.51 5.12 12.95
C SER C 123 4.05 3.68 12.88
N ALA D 23 7.20 30.47 18.30
CA ALA D 23 7.97 30.40 17.07
C ALA D 23 7.54 29.21 16.22
N VAL D 24 7.87 29.26 14.93
CA VAL D 24 7.70 28.08 14.08
C VAL D 24 8.71 27.00 14.47
N ARG D 25 9.88 27.43 14.96
CA ARG D 25 10.85 26.48 15.52
C ARG D 25 10.20 25.63 16.61
N GLU D 26 9.53 26.27 17.57
CA GLU D 26 8.87 25.53 18.64
C GLU D 26 7.91 24.48 18.08
N THR D 27 7.02 24.89 17.17
CA THR D 27 6.03 23.97 16.61
C THR D 27 6.71 22.77 15.95
N MET D 28 7.74 23.03 15.13
CA MET D 28 8.40 21.93 14.44
C MET D 28 9.13 21.00 15.42
N ASP D 29 9.65 21.53 16.52
CA ASP D 29 10.31 20.67 17.48
C ASP D 29 9.29 19.81 18.22
N VAL D 30 8.20 20.42 18.67
CA VAL D 30 7.07 19.65 19.21
C VAL D 30 6.71 18.52 18.25
N LEU D 31 6.50 18.87 16.98
CA LEU D 31 6.04 17.91 15.99
C LEU D 31 7.07 16.81 15.76
N LEU D 32 8.35 17.17 15.74
CA LEU D 32 9.37 16.14 15.54
C LEU D 32 9.38 15.15 16.71
N GLU D 33 9.26 15.65 17.95
CA GLU D 33 9.15 14.77 19.10
C GLU D 33 7.91 13.89 18.99
N ILE D 34 6.77 14.46 18.59
CA ILE D 34 5.58 13.64 18.38
C ILE D 34 5.86 12.54 17.36
N SER D 35 6.50 12.91 16.25
CA SER D 35 6.81 11.94 15.20
C SER D 35 7.77 10.87 15.68
N ARG D 36 8.65 11.22 16.62
CA ARG D 36 9.59 10.25 17.17
C ARG D 36 8.93 9.32 18.17
N ILE D 37 7.99 9.82 18.96
CA ILE D 37 7.23 8.93 19.84
C ILE D 37 6.45 7.92 19.00
N LEU D 38 5.89 8.36 17.87
CA LEU D 38 5.16 7.47 16.98
C LEU D 38 6.07 6.57 16.14
N ASN D 39 7.39 6.82 16.14
CA ASN D 39 8.34 5.97 15.42
C ASN D 39 8.05 5.95 13.92
N THR D 40 7.93 7.15 13.32
CA THR D 40 7.51 7.27 11.92
C THR D 40 8.64 7.09 10.92
N GLY D 41 9.89 7.19 11.36
CA GLY D 41 11.02 7.16 10.45
C GLY D 41 11.48 8.51 9.95
N LEU D 42 10.73 9.58 10.21
CA LEU D 42 11.00 10.87 9.59
C LEU D 42 12.08 11.65 10.35
N ASP D 43 12.92 12.35 9.58
CA ASP D 43 13.81 13.37 10.13
C ASP D 43 13.18 14.75 9.93
N MET D 44 13.89 15.78 10.40
CA MET D 44 13.33 17.13 10.37
C MET D 44 13.05 17.61 8.95
N GLU D 45 13.98 17.35 8.01
CA GLU D 45 13.82 17.81 6.63
C GLU D 45 12.54 17.24 5.99
N THR D 46 12.33 15.93 6.11
CA THR D 46 11.16 15.30 5.51
C THR D 46 9.89 15.75 6.20
N LEU D 47 9.89 15.74 7.55
CA LEU D 47 8.76 16.28 8.30
C LEU D 47 8.40 17.68 7.83
N SER D 48 9.42 18.51 7.58
CA SER D 48 9.16 19.89 7.17
C SER D 48 8.48 19.96 5.81
N ILE D 49 8.90 19.11 4.87
CA ILE D 49 8.23 19.04 3.57
C ILE D 49 6.80 18.57 3.74
N CYS D 50 6.59 17.57 4.61
CA CYS D 50 5.25 17.00 4.77
C CYS D 50 4.30 17.99 5.39
N VAL D 51 4.77 18.76 6.38
CA VAL D 51 3.94 19.81 6.95
C VAL D 51 3.52 20.78 5.87
N ARG D 52 4.49 21.25 5.06
CA ARG D 52 4.16 22.22 4.01
C ARG D 52 3.21 21.61 3.01
N LEU D 53 3.42 20.34 2.65
CA LEU D 53 2.51 19.69 1.71
C LEU D 53 1.13 19.55 2.32
N CYS D 54 1.05 19.19 3.60
CA CYS D 54 -0.25 19.11 4.27
C CYS D 54 -0.91 20.48 4.34
N GLU D 55 -0.12 21.53 4.56
CA GLU D 55 -0.68 22.88 4.65
C GLU D 55 -1.26 23.34 3.31
N GLN D 56 -0.70 22.89 2.20
CA GLN D 56 -1.28 23.22 0.91
C GLN D 56 -2.41 22.28 0.49
N GLY D 57 -2.84 21.34 1.34
CA GLY D 57 -3.98 20.50 1.03
C GLY D 57 -3.71 19.13 0.41
N ILE D 58 -2.45 18.67 0.37
CA ILE D 58 -2.22 17.28 -0.06
C ILE D 58 -2.84 16.33 0.96
N ASN D 59 -3.66 15.41 0.47
CA ASN D 59 -4.32 14.46 1.36
C ASN D 59 -3.29 13.62 2.10
N PRO D 60 -3.39 13.52 3.44
CA PRO D 60 -2.29 12.87 4.21
C PRO D 60 -2.22 11.37 4.02
N GLU D 61 -3.34 10.71 3.74
CA GLU D 61 -3.26 9.26 3.50
C GLU D 61 -2.57 8.97 2.17
N ALA D 62 -2.84 9.78 1.14
CA ALA D 62 -2.05 9.69 -0.08
C ALA D 62 -0.57 9.98 0.18
N LEU D 63 -0.29 11.00 1.00
CA LEU D 63 1.11 11.33 1.29
C LEU D 63 1.81 10.17 1.97
N SER D 64 1.13 9.53 2.93
CA SER D 64 1.73 8.39 3.62
C SER D 64 1.93 7.21 2.67
N SER D 65 0.91 6.92 1.84
CA SER D 65 1.07 5.90 0.79
C SER D 65 2.28 6.20 -0.09
N VAL D 66 2.42 7.44 -0.54
CA VAL D 66 3.58 7.81 -1.36
C VAL D 66 4.88 7.55 -0.59
N ILE D 67 4.96 8.01 0.66
CA ILE D 67 6.22 7.88 1.40
C ILE D 67 6.57 6.42 1.59
N LYS D 68 5.58 5.60 1.95
CA LYS D 68 5.84 4.18 2.16
C LYS D 68 6.35 3.54 0.88
N GLU D 69 5.81 3.95 -0.28
CA GLU D 69 6.22 3.32 -1.52
C GLU D 69 7.59 3.81 -1.97
N LEU D 70 7.94 5.08 -1.71
CA LEU D 70 9.29 5.53 -2.08
C LEU D 70 10.36 4.89 -1.21
N ARG D 71 10.04 4.61 0.07
CA ARG D 71 10.95 3.87 0.94
C ARG D 71 11.21 2.44 0.46
N LYS D 72 10.21 1.74 -0.08
CA LYS D 72 10.55 0.40 -0.54
C LYS D 72 11.43 0.47 -1.77
N ALA D 73 11.36 1.57 -2.52
CA ALA D 73 12.27 1.76 -3.63
C ALA D 73 13.71 1.99 -3.17
N THR D 74 13.92 2.62 -2.00
CA THR D 74 15.29 2.97 -1.64
C THR D 74 16.09 1.72 -1.26
N GLU D 75 15.51 0.83 -0.46
CA GLU D 75 16.24 -0.36 -0.06
C GLU D 75 16.28 -1.42 -1.16
N ALA D 76 15.33 -1.38 -2.10
CA ALA D 76 15.41 -2.31 -3.23
C ALA D 76 16.62 -2.02 -4.10
N LEU D 77 16.77 -0.76 -4.52
CA LEU D 77 17.78 -0.38 -5.49
C LEU D 77 19.22 -0.54 -4.99
#